data_4USF
#
_entry.id   4USF
#
_cell.length_a   49.940
_cell.length_b   75.300
_cell.length_c   189.570
_cell.angle_alpha   90.00
_cell.angle_beta   90.00
_cell.angle_gamma   90.00
#
_symmetry.space_group_name_H-M   'P 2 21 21'
#
loop_
_entity.id
_entity.type
_entity.pdbx_description
1 polymer 'STE20-LIKE SERINE/THREONINE-PROTEIN KINASE'
2 non-polymer 4-[4-(6-methoxynaphthalen-2-yl)-1H-imidazol-5-yl]pyridine
3 water water
#
_entity_poly.entity_id   1
_entity_poly.type   'polypeptide(L)'
_entity_poly.pdbx_seq_one_letter_code
;SMKQYEHVTRDLNPEDFWEIIGELGDGAFGKVYKAQNKETSVLAAAKVIDTKSEEELEDYMVEIDILASCDHPNIVKLLD
AFYYENNLWILIEFCAGGAVDAVMLELERPLTESQIQVVCKQTLDALNYLHDNKIIHRDLKAGNILFTLDGDIKLADFGV
SAKNTRTIQRRDSFIGTPYWMAPEVVMCETSKDRPYDYKADVWSLGITLIEMAEIEPPHHELNPMRVLLKIAKSEPPTLA
QPSRWSSNFKDFLKKCLEKNVDARWTTSQLLQHPFVTVDSNKPIRELIAEAKAEVTEEVEDGKE
;
_entity_poly.pdbx_strand_id   A,B
#
loop_
_chem_comp.id
_chem_comp.type
_chem_comp.name
_chem_comp.formula
6UI non-polymer 4-[4-(6-methoxynaphthalen-2-yl)-1H-imidazol-5-yl]pyridine 'C19 H15 N3 O'
#
# COMPACT_ATOMS: atom_id res chain seq x y z
N SER A 1 10.31 19.35 -28.12
CA SER A 1 10.49 17.89 -28.35
C SER A 1 11.24 17.18 -27.23
N MET A 2 10.50 16.76 -26.19
CA MET A 2 11.12 16.28 -24.98
C MET A 2 11.98 15.06 -25.22
N LYS A 3 13.10 15.02 -24.52
CA LYS A 3 14.06 13.96 -24.69
C LYS A 3 14.84 13.73 -23.39
N GLN A 4 15.16 12.49 -23.11
CA GLN A 4 16.02 12.18 -21.98
C GLN A 4 17.45 12.60 -22.30
N TYR A 5 18.04 13.45 -21.47
CA TYR A 5 19.34 14.03 -21.82
C TYR A 5 20.50 13.10 -21.43
N GLU A 6 20.37 12.41 -20.30
CA GLU A 6 21.46 11.59 -19.77
C GLU A 6 20.90 10.49 -18.89
N HIS A 7 21.71 9.48 -18.65
CA HIS A 7 21.39 8.44 -17.68
C HIS A 7 21.59 8.92 -16.24
N VAL A 8 21.04 8.18 -15.27
CA VAL A 8 21.30 8.47 -13.84
C VAL A 8 22.66 7.97 -13.38
N THR A 9 23.20 6.97 -14.09
CA THR A 9 24.53 6.47 -13.80
C THR A 9 25.59 7.57 -14.03
N ARG A 10 26.43 7.80 -13.02
CA ARG A 10 27.48 8.83 -13.07
C ARG A 10 28.86 8.24 -13.32
N ASP A 11 29.69 8.97 -14.05
CA ASP A 11 31.06 8.55 -14.32
C ASP A 11 31.94 9.13 -13.22
N LEU A 12 31.79 8.59 -12.02
CA LEU A 12 32.50 9.06 -10.84
C LEU A 12 32.92 7.89 -9.97
N ASN A 13 33.90 8.15 -9.10
CA ASN A 13 34.38 7.17 -8.17
C ASN A 13 33.35 6.99 -7.04
N PRO A 14 32.78 5.78 -6.89
CA PRO A 14 31.84 5.59 -5.81
C PRO A 14 32.43 5.83 -4.42
N GLU A 15 33.72 5.59 -4.26
CA GLU A 15 34.40 5.84 -2.98
C GLU A 15 34.44 7.31 -2.55
N ASP A 16 34.17 8.23 -3.47
CA ASP A 16 34.03 9.63 -3.09
C ASP A 16 32.77 9.81 -2.20
N PHE A 17 31.80 8.91 -2.31
CA PHE A 17 30.54 9.05 -1.61
C PHE A 17 30.18 7.96 -0.62
N TRP A 18 30.76 6.77 -0.81
CA TRP A 18 30.34 5.57 -0.11
C TRP A 18 31.56 4.86 0.47
N GLU A 19 31.40 4.33 1.68
CA GLU A 19 32.39 3.53 2.38
C GLU A 19 31.94 2.09 2.26
N ILE A 20 32.88 1.17 2.09
CA ILE A 20 32.52 -0.26 2.02
C ILE A 20 32.71 -0.90 3.39
N ILE A 21 31.62 -1.38 3.99
CA ILE A 21 31.61 -2.04 5.27
C ILE A 21 32.14 -3.47 5.16
N GLY A 22 31.69 -4.20 4.15
CA GLY A 22 32.18 -5.55 3.95
C GLY A 22 31.51 -6.22 2.76
N GLU A 23 32.08 -7.35 2.34
CA GLU A 23 31.52 -8.12 1.25
C GLU A 23 30.35 -8.90 1.78
N LEU A 24 29.32 -9.07 0.97
CA LEU A 24 28.15 -9.84 1.37
C LEU A 24 28.12 -11.16 0.63
N GLY A 25 27.87 -12.23 1.39
CA GLY A 25 27.64 -13.55 0.83
C GLY A 25 28.87 -14.40 0.52
N ASP A 26 30.07 -13.82 0.70
CA ASP A 26 31.33 -14.48 0.37
C ASP A 26 31.30 -15.09 -1.05
N GLY A 27 30.85 -14.30 -2.03
CA GLY A 27 30.82 -14.72 -3.44
C GLY A 27 29.63 -15.59 -3.86
N ALA A 28 28.82 -16.04 -2.89
CA ALA A 28 27.69 -16.97 -3.14
C ALA A 28 26.59 -16.40 -4.03
N PHE A 29 26.44 -15.08 -4.04
CA PHE A 29 25.54 -14.39 -4.96
C PHE A 29 26.20 -13.17 -5.64
N GLY A 30 27.44 -13.36 -6.10
CA GLY A 30 28.14 -12.35 -6.89
C GLY A 30 29.02 -11.39 -6.08
N LYS A 31 29.57 -10.38 -6.77
CA LYS A 31 30.35 -9.30 -6.14
C LYS A 31 29.47 -8.18 -5.58
N VAL A 32 29.14 -8.34 -4.30
CA VAL A 32 28.19 -7.51 -3.61
C VAL A 32 28.78 -7.07 -2.26
N TYR A 33 28.64 -5.79 -1.98
CA TYR A 33 29.12 -5.19 -0.75
C TYR A 33 28.03 -4.51 0.04
N LYS A 34 28.17 -4.49 1.36
CA LYS A 34 27.41 -3.57 2.19
C LYS A 34 28.18 -2.26 2.22
N ALA A 35 27.48 -1.16 1.99
CA ALA A 35 28.11 0.16 1.91
C ALA A 35 27.36 1.16 2.78
N GLN A 36 28.03 2.27 3.05
CA GLN A 36 27.44 3.34 3.88
C GLN A 36 27.83 4.71 3.33
N ASN A 37 26.84 5.58 3.19
CA ASN A 37 27.07 6.92 2.67
C ASN A 37 27.89 7.74 3.65
N LYS A 38 28.95 8.36 3.15
CA LYS A 38 29.86 9.11 4.00
C LYS A 38 29.22 10.32 4.67
N GLU A 39 28.31 10.99 3.98
CA GLU A 39 27.66 12.21 4.52
C GLU A 39 26.39 11.91 5.25
N THR A 40 25.58 11.00 4.71
CA THR A 40 24.23 10.79 5.23
C THR A 40 24.13 9.60 6.16
N SER A 41 25.15 8.74 6.14
CA SER A 41 25.15 7.48 6.91
C SER A 41 24.09 6.45 6.45
N VAL A 42 23.41 6.68 5.34
CA VAL A 42 22.47 5.71 4.81
C VAL A 42 23.18 4.42 4.36
N LEU A 43 22.61 3.27 4.70
CA LEU A 43 23.16 1.96 4.30
C LEU A 43 22.65 1.54 2.93
N ALA A 44 23.51 0.83 2.18
CA ALA A 44 23.21 0.35 0.85
C ALA A 44 23.84 -1.02 0.60
N ALA A 45 23.33 -1.72 -0.40
CA ALA A 45 24.02 -2.86 -0.95
C ALA A 45 24.51 -2.43 -2.33
N ALA A 46 25.76 -2.75 -2.63
CA ALA A 46 26.42 -2.35 -3.88
C ALA A 46 26.76 -3.56 -4.66
N LYS A 47 26.28 -3.60 -5.90
CA LYS A 47 26.63 -4.69 -6.79
C LYS A 47 27.59 -4.15 -7.82
N VAL A 48 28.66 -4.89 -8.09
CA VAL A 48 29.68 -4.44 -9.00
C VAL A 48 29.69 -5.38 -10.21
N ILE A 49 29.46 -4.83 -11.40
CA ILE A 49 29.45 -5.62 -12.63
C ILE A 49 30.56 -5.19 -13.59
N ASP A 50 31.41 -6.15 -13.98
CA ASP A 50 32.44 -5.93 -14.98
C ASP A 50 31.80 -6.07 -16.35
N THR A 51 31.44 -4.93 -16.96
CA THR A 51 30.86 -4.90 -18.30
C THR A 51 31.89 -5.18 -19.41
N LYS A 52 31.47 -5.91 -20.43
CA LYS A 52 32.36 -6.44 -21.47
C LYS A 52 32.26 -5.72 -22.80
N SER A 53 31.33 -4.77 -22.93
CA SER A 53 31.20 -3.99 -24.16
C SER A 53 30.41 -2.72 -23.91
N GLU A 54 30.57 -1.75 -24.82
CA GLU A 54 29.78 -0.52 -24.74
C GLU A 54 28.28 -0.83 -24.80
N GLU A 55 27.91 -1.79 -25.64
CA GLU A 55 26.51 -2.16 -25.82
C GLU A 55 25.92 -2.78 -24.56
N GLU A 56 26.67 -3.68 -23.90
CA GLU A 56 26.24 -4.28 -22.64
C GLU A 56 26.06 -3.20 -21.59
N LEU A 57 27.02 -2.28 -21.54
CA LEU A 57 26.96 -1.19 -20.55
C LEU A 57 25.72 -0.32 -20.76
N GLU A 58 25.47 0.05 -22.01
CA GLU A 58 24.31 0.87 -22.33
C GLU A 58 23.02 0.15 -21.92
N ASP A 59 22.93 -1.15 -22.22
CA ASP A 59 21.74 -1.93 -21.84
C ASP A 59 21.50 -1.89 -20.34
N TYR A 60 22.57 -2.06 -19.54
CA TYR A 60 22.47 -1.93 -18.10
C TYR A 60 22.04 -0.56 -17.68
N MET A 61 22.62 0.48 -18.29
CA MET A 61 22.28 1.84 -17.92
C MET A 61 20.80 2.18 -18.22
N VAL A 62 20.27 1.64 -19.31
CA VAL A 62 18.81 1.77 -19.60
C VAL A 62 17.97 1.11 -18.49
N GLU A 63 18.37 -0.09 -18.08
CA GLU A 63 17.67 -0.84 -17.05
C GLU A 63 17.74 -0.14 -15.71
N ILE A 64 18.88 0.46 -15.40
CA ILE A 64 19.04 1.23 -14.18
C ILE A 64 18.10 2.43 -14.16
N ASP A 65 17.98 3.11 -15.32
CA ASP A 65 17.06 4.26 -15.40
C ASP A 65 15.62 3.80 -15.13
N ILE A 66 15.23 2.63 -15.61
CA ILE A 66 13.87 2.12 -15.30
C ILE A 66 13.70 1.90 -13.81
N LEU A 67 14.67 1.23 -13.20
CA LEU A 67 14.61 0.98 -11.74
C LEU A 67 14.51 2.28 -10.97
N ALA A 68 15.31 3.27 -11.34
CA ALA A 68 15.32 4.59 -10.70
C ALA A 68 13.97 5.29 -10.81
N SER A 69 13.23 5.00 -11.86
CA SER A 69 11.92 5.60 -12.13
C SER A 69 10.79 4.91 -11.34
N CYS A 70 11.04 3.73 -10.80
CA CYS A 70 10.04 3.03 -10.03
C CYS A 70 9.81 3.66 -8.66
N ASP A 71 8.56 3.71 -8.27
CA ASP A 71 8.20 4.19 -6.98
C ASP A 71 7.07 3.33 -6.41
N HIS A 72 7.45 2.27 -5.72
CA HIS A 72 6.49 1.33 -5.16
C HIS A 72 7.11 0.74 -3.92
N PRO A 73 6.32 0.54 -2.86
CA PRO A 73 6.92 0.07 -1.62
C PRO A 73 7.55 -1.33 -1.68
N ASN A 74 7.20 -2.14 -2.67
CA ASN A 74 7.84 -3.45 -2.83
C ASN A 74 8.86 -3.56 -3.96
N ILE A 75 9.36 -2.44 -4.43
CA ILE A 75 10.47 -2.40 -5.37
C ILE A 75 11.61 -1.62 -4.71
N VAL A 76 12.78 -2.23 -4.72
CA VAL A 76 13.93 -1.65 -4.08
C VAL A 76 14.26 -0.28 -4.69
N LYS A 77 14.65 0.67 -3.85
CA LYS A 77 15.03 1.98 -4.35
C LYS A 77 16.49 1.96 -4.79
N LEU A 78 16.73 2.61 -5.92
CA LEU A 78 18.08 2.87 -6.38
C LEU A 78 18.63 4.08 -5.63
N LEU A 79 19.74 3.93 -4.94
CA LEU A 79 20.39 5.03 -4.24
C LEU A 79 21.51 5.73 -5.02
N ASP A 80 22.20 5.02 -5.88
CA ASP A 80 23.26 5.62 -6.68
C ASP A 80 23.66 4.57 -7.74
N ALA A 81 24.23 5.04 -8.84
CA ALA A 81 24.88 4.15 -9.80
C ALA A 81 26.09 4.86 -10.36
N PHE A 82 27.20 4.14 -10.49
CA PHE A 82 28.43 4.70 -11.02
C PHE A 82 29.04 3.78 -12.05
N TYR A 83 29.71 4.39 -13.03
CA TYR A 83 30.60 3.67 -13.91
C TYR A 83 32.00 4.22 -13.69
N TYR A 84 32.91 3.34 -13.26
CA TYR A 84 34.24 3.75 -12.83
C TYR A 84 35.26 2.63 -13.04
N GLU A 85 36.33 2.91 -13.77
CA GLU A 85 37.43 1.96 -13.95
C GLU A 85 36.87 0.62 -14.42
N ASN A 86 36.07 0.67 -15.48
CA ASN A 86 35.54 -0.51 -16.18
C ASN A 86 34.50 -1.32 -15.39
N ASN A 87 34.04 -0.79 -14.26
CA ASN A 87 33.05 -1.47 -13.47
C ASN A 87 31.82 -0.60 -13.30
N LEU A 88 30.67 -1.26 -13.37
CA LEU A 88 29.43 -0.64 -13.03
C LEU A 88 29.12 -0.92 -11.58
N TRP A 89 28.90 0.11 -10.77
CA TRP A 89 28.51 -0.03 -9.39
C TRP A 89 27.05 0.37 -9.24
N ILE A 90 26.22 -0.53 -8.71
CA ILE A 90 24.81 -0.19 -8.55
C ILE A 90 24.46 -0.32 -7.10
N LEU A 91 23.98 0.76 -6.51
CA LEU A 91 23.68 0.80 -5.09
C LEU A 91 22.17 0.92 -4.84
N ILE A 92 21.66 -0.02 -4.08
CA ILE A 92 20.26 -0.01 -3.68
C ILE A 92 20.11 0.07 -2.18
N GLU A 93 18.89 0.35 -1.72
CA GLU A 93 18.65 0.33 -0.29
C GLU A 93 19.05 -1.01 0.32
N PHE A 94 19.66 -0.95 1.50
CA PHE A 94 20.06 -2.13 2.23
C PHE A 94 18.84 -2.84 2.81
N CYS A 95 18.77 -4.15 2.58
CA CYS A 95 17.65 -4.98 2.97
C CYS A 95 18.24 -6.04 3.91
N ALA A 96 18.06 -5.83 5.19
CA ALA A 96 18.80 -6.56 6.21
C ALA A 96 18.53 -8.06 6.20
N GLY A 97 17.39 -8.48 5.67
CA GLY A 97 17.04 -9.89 5.58
C GLY A 97 17.71 -10.64 4.43
N GLY A 98 18.28 -9.92 3.47
CA GLY A 98 18.96 -10.54 2.34
C GLY A 98 18.00 -11.19 1.36
N ALA A 99 18.56 -11.93 0.41
CA ALA A 99 17.78 -12.54 -0.64
C ALA A 99 17.11 -13.83 -0.17
N VAL A 100 15.93 -14.10 -0.70
CA VAL A 100 15.11 -15.25 -0.29
C VAL A 100 15.86 -16.56 -0.50
N ASP A 101 16.55 -16.72 -1.64
CA ASP A 101 17.28 -17.97 -1.86
C ASP A 101 18.49 -18.14 -0.93
N ALA A 102 19.16 -17.05 -0.58
CA ALA A 102 20.24 -17.11 0.36
C ALA A 102 19.76 -17.54 1.74
N VAL A 103 18.57 -17.07 2.14
CA VAL A 103 17.98 -17.43 3.41
C VAL A 103 17.70 -18.93 3.43
N MET A 104 17.16 -19.46 2.34
CA MET A 104 16.86 -20.89 2.25
C MET A 104 18.12 -21.73 2.37
N LEU A 105 19.20 -21.29 1.73
CA LEU A 105 20.47 -22.01 1.80
C LEU A 105 21.10 -21.91 3.18
N GLU A 106 20.99 -20.75 3.82
CA GLU A 106 21.46 -20.59 5.21
C GLU A 106 20.78 -21.54 6.18
N LEU A 107 19.46 -21.63 6.05
CA LEU A 107 18.64 -22.45 6.94
C LEU A 107 18.50 -23.90 6.46
N GLU A 108 18.96 -24.16 5.24
CA GLU A 108 18.88 -25.48 4.62
C GLU A 108 17.45 -26.01 4.57
N ARG A 109 16.52 -25.14 4.22
CA ARG A 109 15.14 -25.53 4.12
C ARG A 109 14.38 -24.53 3.28
N PRO A 110 13.28 -24.97 2.67
CA PRO A 110 12.40 -24.08 1.93
C PRO A 110 11.54 -23.21 2.85
N LEU A 111 10.87 -22.23 2.26
CA LEU A 111 9.88 -21.46 2.98
C LEU A 111 8.65 -22.31 3.26
N THR A 112 7.94 -21.99 4.34
CA THR A 112 6.68 -22.63 4.65
C THR A 112 5.62 -21.98 3.76
N GLU A 113 4.47 -22.62 3.63
CA GLU A 113 3.43 -22.02 2.80
C GLU A 113 3.04 -20.61 3.29
N SER A 114 2.90 -20.44 4.60
CA SER A 114 2.51 -19.12 5.12
CA SER A 114 2.54 -19.12 5.13
C SER A 114 3.56 -18.04 4.78
N GLN A 115 4.84 -18.44 4.72
CA GLN A 115 5.89 -17.51 4.27
C GLN A 115 5.81 -17.22 2.79
N ILE A 116 5.58 -18.27 1.99
CA ILE A 116 5.44 -18.11 0.55
C ILE A 116 4.24 -17.19 0.23
N GLN A 117 3.14 -17.34 0.94
CA GLN A 117 1.95 -16.49 0.72
C GLN A 117 2.29 -15.00 0.80
N VAL A 118 3.04 -14.63 1.82
CA VAL A 118 3.40 -13.25 2.04
C VAL A 118 4.30 -12.77 0.90
N VAL A 119 5.34 -13.57 0.58
CA VAL A 119 6.27 -13.22 -0.47
C VAL A 119 5.50 -13.09 -1.79
N CYS A 120 4.62 -14.04 -2.06
CA CYS A 120 3.83 -14.05 -3.28
C CYS A 120 2.99 -12.77 -3.38
N LYS A 121 2.28 -12.44 -2.31
CA LYS A 121 1.42 -11.26 -2.32
C LYS A 121 2.21 -10.00 -2.63
N GLN A 122 3.30 -9.80 -1.90
CA GLN A 122 4.06 -8.56 -2.04
C GLN A 122 4.82 -8.49 -3.37
N THR A 123 5.34 -9.61 -3.84
CA THR A 123 6.00 -9.66 -5.13
C THR A 123 5.02 -9.43 -6.28
N LEU A 124 3.82 -9.97 -6.13
CA LEU A 124 2.78 -9.76 -7.12
C LEU A 124 2.35 -8.28 -7.16
N ASP A 125 2.31 -7.62 -6.00
CA ASP A 125 2.02 -6.18 -5.96
C ASP A 125 3.09 -5.41 -6.77
N ALA A 126 4.36 -5.77 -6.57
CA ALA A 126 5.46 -5.11 -7.31
C ALA A 126 5.34 -5.38 -8.82
N LEU A 127 5.04 -6.62 -9.17
CA LEU A 127 5.02 -7.05 -10.57
C LEU A 127 3.84 -6.41 -11.28
N ASN A 128 2.71 -6.35 -10.60
CA ASN A 128 1.55 -5.66 -11.13
C ASN A 128 1.79 -4.17 -11.40
N TYR A 129 2.47 -3.49 -10.48
CA TYR A 129 2.90 -2.11 -10.71
C TYR A 129 3.76 -2.02 -11.98
N LEU A 130 4.75 -2.90 -12.12
CA LEU A 130 5.60 -2.88 -13.33
C LEU A 130 4.75 -3.02 -14.60
N HIS A 131 3.90 -4.03 -14.63
CA HIS A 131 3.05 -4.31 -15.79
C HIS A 131 2.14 -3.16 -16.13
N ASP A 132 1.56 -2.54 -15.10
CA ASP A 132 0.70 -1.38 -15.29
CA ASP A 132 0.70 -1.38 -15.27
C ASP A 132 1.45 -0.21 -15.88
N ASN A 133 2.78 -0.15 -15.62
CA ASN A 133 3.63 0.88 -16.18
C ASN A 133 4.41 0.45 -17.42
N LYS A 134 3.93 -0.60 -18.06
CA LYS A 134 4.49 -1.13 -19.33
C LYS A 134 5.92 -1.62 -19.21
N ILE A 135 6.28 -2.09 -18.02
CA ILE A 135 7.58 -2.65 -17.78
C ILE A 135 7.50 -4.14 -17.54
N ILE A 136 8.43 -4.87 -18.14
CA ILE A 136 8.58 -6.28 -17.84
C ILE A 136 9.89 -6.48 -17.10
N HIS A 137 9.91 -7.43 -16.18
CA HIS A 137 11.10 -7.68 -15.37
C HIS A 137 12.12 -8.53 -16.10
N ARG A 138 11.65 -9.66 -16.64
CA ARG A 138 12.40 -10.64 -17.42
C ARG A 138 13.33 -11.56 -16.67
N ASP A 139 13.59 -11.30 -15.40
CA ASP A 139 14.49 -12.17 -14.61
C ASP A 139 13.93 -12.46 -13.23
N LEU A 140 12.64 -12.71 -13.15
CA LEU A 140 12.05 -12.98 -11.85
C LEU A 140 12.56 -14.33 -11.34
N LYS A 141 13.03 -14.33 -10.10
CA LYS A 141 13.56 -15.54 -9.43
C LYS A 141 13.80 -15.17 -7.96
N ALA A 142 14.00 -16.16 -7.10
CA ALA A 142 14.16 -15.90 -5.67
C ALA A 142 15.36 -14.98 -5.38
N GLY A 143 16.39 -15.04 -6.23
CA GLY A 143 17.58 -14.20 -6.05
C GLY A 143 17.38 -12.71 -6.29
N ASN A 144 16.21 -12.35 -6.83
CA ASN A 144 15.80 -10.96 -6.97
C ASN A 144 14.72 -10.54 -6.00
N ILE A 145 14.46 -11.35 -4.98
CA ILE A 145 13.51 -11.01 -3.94
C ILE A 145 14.24 -10.86 -2.61
N LEU A 146 14.12 -9.69 -1.99
CA LEU A 146 14.87 -9.30 -0.78
C LEU A 146 13.93 -9.03 0.37
N PHE A 147 14.39 -9.32 1.57
CA PHE A 147 13.65 -9.08 2.80
C PHE A 147 14.18 -7.88 3.57
N THR A 148 13.30 -7.01 4.03
CA THR A 148 13.71 -5.94 4.91
C THR A 148 13.77 -6.43 6.35
N LEU A 149 14.32 -5.59 7.20
CA LEU A 149 14.36 -5.79 8.63
C LEU A 149 12.98 -6.04 9.22
N ASP A 150 11.94 -5.39 8.68
CA ASP A 150 10.58 -5.46 9.24
C ASP A 150 9.71 -6.55 8.62
N GLY A 151 10.30 -7.34 7.72
CA GLY A 151 9.60 -8.48 7.16
C GLY A 151 8.82 -8.20 5.90
N ASP A 152 9.15 -7.12 5.21
CA ASP A 152 8.57 -6.86 3.89
C ASP A 152 9.51 -7.30 2.80
N ILE A 153 8.95 -7.38 1.61
CA ILE A 153 9.65 -7.83 0.43
C ILE A 153 9.99 -6.63 -0.41
N LYS A 154 11.18 -6.66 -1.00
CA LYS A 154 11.56 -5.73 -2.03
C LYS A 154 12.04 -6.50 -3.25
N LEU A 155 11.42 -6.23 -4.38
CA LEU A 155 11.85 -6.79 -5.65
C LEU A 155 13.05 -5.99 -6.17
N ALA A 156 14.09 -6.70 -6.56
CA ALA A 156 15.28 -6.11 -7.11
C ALA A 156 15.50 -6.58 -8.55
N ASP A 157 16.71 -6.37 -9.05
CA ASP A 157 17.05 -6.78 -10.41
C ASP A 157 18.53 -7.14 -10.39
N PHE A 158 18.98 -7.90 -11.39
CA PHE A 158 20.38 -8.31 -11.55
C PHE A 158 20.90 -9.28 -10.50
N GLY A 159 20.00 -9.82 -9.69
CA GLY A 159 20.40 -10.77 -8.68
C GLY A 159 20.95 -12.02 -9.35
N VAL A 160 21.79 -12.73 -8.62
CA VAL A 160 22.31 -14.03 -9.01
C VAL A 160 21.68 -15.08 -8.08
N SER A 161 21.42 -16.27 -8.61
CA SER A 161 20.92 -17.33 -7.75
C SER A 161 22.03 -17.74 -6.79
N ALA A 162 21.65 -17.90 -5.53
CA ALA A 162 22.60 -18.21 -4.47
C ALA A 162 23.08 -19.66 -4.63
N LYS A 163 24.37 -19.87 -4.43
CA LYS A 163 24.99 -21.20 -4.46
C LYS A 163 25.92 -21.46 -3.29
N THR A 177 21.89 -20.87 -16.48
CA THR A 177 20.82 -21.83 -16.79
C THR A 177 19.41 -21.22 -16.62
N PRO A 178 18.59 -21.28 -17.70
CA PRO A 178 17.32 -20.54 -17.81
C PRO A 178 16.09 -21.29 -17.22
N TYR A 179 16.15 -21.59 -15.92
CA TYR A 179 15.09 -22.36 -15.27
C TYR A 179 13.72 -21.71 -15.23
N TRP A 180 13.69 -20.38 -15.30
CA TRP A 180 12.50 -19.63 -15.07
C TRP A 180 11.86 -19.22 -16.40
N MET A 181 12.43 -19.62 -17.53
CA MET A 181 11.94 -19.14 -18.85
C MET A 181 10.64 -19.82 -19.28
N ALA A 182 9.67 -19.00 -19.74
CA ALA A 182 8.38 -19.52 -20.21
C ALA A 182 8.53 -20.33 -21.49
N PRO A 183 7.72 -21.39 -21.68
CA PRO A 183 7.87 -22.26 -22.83
C PRO A 183 7.74 -21.54 -24.18
N GLU A 184 6.86 -20.54 -24.28
CA GLU A 184 6.66 -19.84 -25.56
C GLU A 184 7.87 -18.97 -25.91
N VAL A 185 8.64 -18.60 -24.90
CA VAL A 185 9.84 -17.80 -25.03
C VAL A 185 10.97 -18.75 -25.46
N VAL A 186 11.05 -19.93 -24.85
CA VAL A 186 11.97 -20.97 -25.32
C VAL A 186 11.78 -21.26 -26.81
N MET A 187 10.53 -21.49 -27.23
CA MET A 187 10.20 -21.90 -28.58
C MET A 187 10.25 -20.80 -29.65
N CYS A 188 10.21 -19.52 -29.27
CA CYS A 188 10.03 -18.43 -30.21
C CYS A 188 11.16 -17.39 -30.11
N GLU A 189 12.41 -17.84 -30.21
CA GLU A 189 13.56 -16.94 -30.20
C GLU A 189 14.14 -16.72 -31.60
N ARG A 194 11.24 -9.34 -29.82
CA ARG A 194 10.41 -8.92 -28.71
C ARG A 194 9.83 -10.15 -27.94
N PRO A 195 10.71 -11.11 -27.54
CA PRO A 195 10.23 -12.40 -27.03
C PRO A 195 9.59 -12.36 -25.65
N TYR A 196 10.18 -11.63 -24.72
CA TYR A 196 9.62 -11.51 -23.38
C TYR A 196 8.44 -10.52 -23.34
N ASP A 197 7.43 -10.87 -22.56
CA ASP A 197 6.27 -10.01 -22.37
C ASP A 197 5.70 -10.21 -20.97
N TYR A 198 4.54 -9.62 -20.70
CA TYR A 198 3.96 -9.66 -19.36
C TYR A 198 3.66 -11.09 -18.94
N LYS A 199 3.09 -11.88 -19.85
CA LYS A 199 2.75 -13.27 -19.54
C LYS A 199 3.99 -14.11 -19.17
N ALA A 200 5.12 -13.84 -19.82
CA ALA A 200 6.34 -14.59 -19.51
C ALA A 200 6.78 -14.33 -18.06
N ASP A 201 6.61 -13.08 -17.56
CA ASP A 201 6.91 -12.79 -16.15
C ASP A 201 6.01 -13.61 -15.24
N VAL A 202 4.73 -13.74 -15.62
CA VAL A 202 3.80 -14.51 -14.77
C VAL A 202 4.24 -15.97 -14.64
N TRP A 203 4.67 -16.55 -15.75
CA TRP A 203 5.25 -17.90 -15.71
C TRP A 203 6.45 -17.93 -14.74
N SER A 204 7.37 -16.98 -14.91
CA SER A 204 8.56 -16.91 -14.04
C SER A 204 8.17 -16.79 -12.56
N LEU A 205 7.10 -16.07 -12.25
CA LEU A 205 6.59 -16.01 -10.88
C LEU A 205 6.21 -17.40 -10.40
N GLY A 206 5.52 -18.17 -11.23
CA GLY A 206 5.14 -19.52 -10.84
C GLY A 206 6.36 -20.36 -10.53
N ILE A 207 7.41 -20.25 -11.35
CA ILE A 207 8.62 -21.04 -11.12
C ILE A 207 9.29 -20.61 -9.82
N THR A 208 9.26 -19.30 -9.55
CA THR A 208 9.84 -18.76 -8.32
C THR A 208 9.11 -19.31 -7.08
N LEU A 209 7.80 -19.49 -7.20
CA LEU A 209 7.04 -20.07 -6.08
C LEU A 209 7.47 -21.50 -5.78
N ILE A 210 7.70 -22.29 -6.83
CA ILE A 210 8.19 -23.66 -6.66
C ILE A 210 9.62 -23.64 -6.09
N GLU A 211 10.43 -22.71 -6.58
CA GLU A 211 11.77 -22.51 -6.04
C GLU A 211 11.73 -22.26 -4.53
N MET A 212 10.79 -21.44 -4.06
CA MET A 212 10.68 -21.16 -2.63
C MET A 212 10.10 -22.32 -1.82
N ALA A 213 9.31 -23.17 -2.48
CA ALA A 213 8.72 -24.33 -1.83
C ALA A 213 9.70 -25.50 -1.77
N GLU A 214 10.69 -25.51 -2.66
CA GLU A 214 11.56 -26.69 -2.83
C GLU A 214 13.05 -26.35 -2.87
N ILE A 215 13.38 -25.09 -2.61
CA ILE A 215 14.78 -24.57 -2.61
C ILE A 215 15.33 -24.32 -4.02
N GLU A 216 15.20 -25.30 -4.90
CA GLU A 216 15.67 -25.15 -6.27
C GLU A 216 14.52 -25.28 -7.25
N PRO A 217 14.66 -24.64 -8.43
CA PRO A 217 13.58 -24.69 -9.40
C PRO A 217 13.49 -26.03 -10.10
N PRO A 218 12.37 -26.25 -10.80
CA PRO A 218 12.20 -27.51 -11.54
C PRO A 218 13.32 -27.71 -12.52
N HIS A 219 13.74 -28.96 -12.64
CA HIS A 219 14.78 -29.41 -13.56
C HIS A 219 16.21 -29.01 -13.17
N HIS A 220 16.41 -28.62 -11.90
CA HIS A 220 17.75 -28.28 -11.38
C HIS A 220 18.73 -29.44 -11.41
N GLU A 221 18.21 -30.66 -11.32
CA GLU A 221 19.02 -31.86 -11.35
C GLU A 221 19.48 -32.25 -12.76
N LEU A 222 18.89 -31.67 -13.80
CA LEU A 222 19.24 -32.08 -15.16
C LEU A 222 20.55 -31.48 -15.59
N ASN A 223 21.18 -32.12 -16.59
CA ASN A 223 22.27 -31.49 -17.31
C ASN A 223 21.70 -30.17 -17.84
N PRO A 224 22.39 -29.04 -17.58
CA PRO A 224 21.84 -27.76 -17.99
C PRO A 224 21.61 -27.61 -19.50
N MET A 225 22.31 -28.39 -20.29
CA MET A 225 22.15 -28.34 -21.73
C MET A 225 20.75 -28.81 -22.16
N ARG A 226 20.11 -29.63 -21.30
CA ARG A 226 18.80 -30.24 -21.58
C ARG A 226 17.60 -29.43 -21.10
N VAL A 227 17.84 -28.34 -20.39
CA VAL A 227 16.78 -27.70 -19.62
C VAL A 227 15.75 -27.02 -20.53
N LEU A 228 16.20 -26.31 -21.58
CA LEU A 228 15.28 -25.63 -22.47
C LEU A 228 14.39 -26.65 -23.18
N LEU A 229 15.00 -27.73 -23.65
CA LEU A 229 14.27 -28.82 -24.28
C LEU A 229 13.21 -29.42 -23.35
N LYS A 230 13.61 -29.64 -22.11
CA LYS A 230 12.70 -30.18 -21.12
C LYS A 230 11.50 -29.23 -20.86
N ILE A 231 11.77 -27.93 -20.76
CA ILE A 231 10.71 -26.92 -20.55
C ILE A 231 9.75 -26.89 -21.76
N ALA A 232 10.33 -26.91 -22.96
CA ALA A 232 9.55 -26.93 -24.20
C ALA A 232 8.64 -28.13 -24.29
N LYS A 233 9.09 -29.30 -23.85
CA LYS A 233 8.39 -30.52 -24.16
C LYS A 233 7.58 -31.10 -23.00
N SER A 234 7.81 -30.63 -21.78
CA SER A 234 7.09 -31.17 -20.62
C SER A 234 5.84 -30.38 -20.34
N GLU A 235 4.93 -31.04 -19.62
CA GLU A 235 3.82 -30.32 -19.02
C GLU A 235 4.39 -29.33 -18.01
N PRO A 236 3.61 -28.29 -17.68
CA PRO A 236 4.12 -27.37 -16.69
C PRO A 236 4.44 -28.06 -15.37
N PRO A 237 5.45 -27.58 -14.67
CA PRO A 237 5.83 -28.26 -13.44
C PRO A 237 4.76 -28.08 -12.36
N THR A 238 4.69 -29.07 -11.49
CA THR A 238 3.85 -29.03 -10.29
C THR A 238 4.72 -29.29 -9.06
N LEU A 239 4.16 -29.03 -7.88
CA LEU A 239 4.86 -29.26 -6.61
C LEU A 239 5.15 -30.75 -6.42
N ALA A 240 6.37 -31.06 -5.99
CA ALA A 240 6.82 -32.46 -5.89
C ALA A 240 6.06 -33.28 -4.85
N GLN A 241 5.62 -32.65 -3.76
CA GLN A 241 4.86 -33.33 -2.71
C GLN A 241 3.55 -32.59 -2.50
N PRO A 242 2.58 -32.82 -3.39
CA PRO A 242 1.37 -31.97 -3.41
C PRO A 242 0.53 -32.05 -2.13
N SER A 243 0.65 -33.14 -1.38
CA SER A 243 -0.11 -33.29 -0.14
C SER A 243 0.39 -32.38 0.98
N ARG A 244 1.54 -31.75 0.78
CA ARG A 244 2.07 -30.84 1.79
C ARG A 244 1.60 -29.39 1.61
N TRP A 245 0.83 -29.13 0.56
CA TRP A 245 0.46 -27.77 0.18
C TRP A 245 -1.05 -27.62 0.01
N SER A 246 -1.57 -26.41 0.20
CA SER A 246 -3.01 -26.19 0.13
C SER A 246 -3.52 -26.17 -1.31
N SER A 247 -4.81 -26.43 -1.50
CA SER A 247 -5.43 -26.36 -2.81
CA SER A 247 -5.42 -26.36 -2.82
C SER A 247 -5.27 -24.95 -3.40
N ASN A 248 -5.36 -23.93 -2.54
CA ASN A 248 -5.19 -22.54 -3.00
C ASN A 248 -3.82 -22.28 -3.63
N PHE A 249 -2.77 -22.78 -2.98
CA PHE A 249 -1.41 -22.63 -3.50
C PHE A 249 -1.27 -23.38 -4.83
N LYS A 250 -1.73 -24.63 -4.85
CA LYS A 250 -1.66 -25.43 -6.09
C LYS A 250 -2.46 -24.78 -7.26
N ASP A 251 -3.59 -24.19 -6.93
CA ASP A 251 -4.42 -23.54 -7.94
C ASP A 251 -3.76 -22.25 -8.44
N PHE A 252 -3.23 -21.47 -7.51
CA PHE A 252 -2.53 -20.24 -7.89
C PHE A 252 -1.40 -20.57 -8.88
N LEU A 253 -0.62 -21.59 -8.54
CA LEU A 253 0.44 -22.06 -9.42
C LEU A 253 -0.05 -22.48 -10.81
N LYS A 254 -1.16 -23.19 -10.86
CA LYS A 254 -1.76 -23.58 -12.15
C LYS A 254 -2.13 -22.37 -13.04
N LYS A 255 -2.51 -21.27 -12.41
CA LYS A 255 -2.89 -20.09 -13.16
C LYS A 255 -1.69 -19.38 -13.76
N CYS A 256 -0.52 -19.53 -13.10
CA CYS A 256 0.73 -18.99 -13.61
C CYS A 256 1.37 -19.91 -14.61
N LEU A 257 1.37 -21.20 -14.30
CA LEU A 257 2.14 -22.21 -15.05
C LEU A 257 1.23 -22.90 -16.04
N GLU A 258 0.73 -22.10 -16.95
CA GLU A 258 -0.26 -22.46 -17.89
C GLU A 258 0.38 -22.27 -19.25
N LYS A 259 0.49 -23.34 -20.01
CA LYS A 259 1.16 -23.27 -21.30
C LYS A 259 0.35 -22.50 -22.34
N ASN A 260 -0.97 -22.57 -22.23
CA ASN A 260 -1.82 -21.86 -23.17
C ASN A 260 -1.78 -20.38 -22.78
N VAL A 261 -1.08 -19.56 -23.58
CA VAL A 261 -0.91 -18.16 -23.21
C VAL A 261 -2.24 -17.39 -23.09
N ASP A 262 -3.27 -17.82 -23.79
CA ASP A 262 -4.59 -17.17 -23.67
C ASP A 262 -5.22 -17.37 -22.29
N ALA A 263 -4.85 -18.45 -21.61
CA ALA A 263 -5.47 -18.82 -20.36
C ALA A 263 -4.63 -18.48 -19.15
N ARG A 264 -3.37 -18.10 -19.36
CA ARG A 264 -2.50 -17.80 -18.22
C ARG A 264 -2.97 -16.48 -17.60
N TRP A 265 -3.14 -16.44 -16.30
CA TRP A 265 -3.67 -15.25 -15.65
C TRP A 265 -2.73 -14.05 -15.67
N THR A 266 -3.31 -12.85 -15.75
CA THR A 266 -2.54 -11.62 -15.59
C THR A 266 -2.29 -11.34 -14.13
N THR A 267 -1.41 -10.37 -13.85
CA THR A 267 -1.15 -9.98 -12.47
C THR A 267 -2.42 -9.40 -11.82
N SER A 268 -3.23 -8.64 -12.58
CA SER A 268 -4.49 -8.11 -12.02
C SER A 268 -5.43 -9.24 -11.61
N GLN A 269 -5.51 -10.31 -12.42
CA GLN A 269 -6.30 -11.48 -12.03
C GLN A 269 -5.73 -12.20 -10.80
N LEU A 270 -4.43 -12.38 -10.78
CA LEU A 270 -3.79 -13.10 -9.68
C LEU A 270 -3.95 -12.37 -8.34
N LEU A 271 -4.00 -11.04 -8.37
CA LEU A 271 -4.19 -10.25 -7.15
C LEU A 271 -5.52 -10.56 -6.43
N GLN A 272 -6.50 -11.10 -7.16
CA GLN A 272 -7.81 -11.47 -6.62
CA GLN A 272 -7.78 -11.46 -6.57
C GLN A 272 -7.88 -12.93 -6.16
N HIS A 273 -6.80 -13.68 -6.37
CA HIS A 273 -6.79 -15.09 -6.03
C HIS A 273 -6.75 -15.29 -4.51
N PRO A 274 -7.50 -16.26 -3.96
CA PRO A 274 -7.54 -16.41 -2.49
C PRO A 274 -6.16 -16.70 -1.84
N PHE A 275 -5.23 -17.30 -2.58
CA PHE A 275 -3.88 -17.54 -2.10
C PHE A 275 -3.18 -16.27 -1.60
N VAL A 276 -3.43 -15.13 -2.24
CA VAL A 276 -2.76 -13.91 -1.82
C VAL A 276 -3.63 -12.98 -0.98
N THR A 277 -4.70 -13.52 -0.42
CA THR A 277 -5.48 -12.79 0.56
C THR A 277 -4.81 -13.01 1.91
N VAL A 278 -4.00 -12.06 2.31
CA VAL A 278 -3.23 -12.20 3.54
C VAL A 278 -2.98 -10.82 4.09
N ASP A 279 -3.10 -10.68 5.42
CA ASP A 279 -3.10 -9.38 6.10
C ASP A 279 -1.80 -9.11 6.90
N SER A 280 -0.99 -10.14 7.20
CA SER A 280 0.12 -10.02 8.15
C SER A 280 1.43 -10.51 7.53
N ASN A 281 2.54 -9.86 7.86
CA ASN A 281 3.87 -10.35 7.46
C ASN A 281 4.59 -11.07 8.61
N LYS A 282 3.85 -11.38 9.67
CA LYS A 282 4.42 -12.12 10.78
C LYS A 282 5.26 -13.35 10.38
N PRO A 283 4.78 -14.18 9.44
CA PRO A 283 5.57 -15.36 9.04
C PRO A 283 6.99 -15.01 8.56
N ILE A 284 7.15 -13.88 7.89
CA ILE A 284 8.45 -13.43 7.39
C ILE A 284 9.28 -12.82 8.49
N ARG A 285 8.63 -12.09 9.41
CA ARG A 285 9.36 -11.60 10.59
C ARG A 285 9.98 -12.78 11.34
N GLU A 286 9.19 -13.83 11.54
CA GLU A 286 9.67 -15.04 12.20
C GLU A 286 10.83 -15.67 11.43
N LEU A 287 10.68 -15.78 10.12
CA LEU A 287 11.72 -16.37 9.28
C LEU A 287 13.05 -15.64 9.44
N ILE A 288 13.04 -14.33 9.25
CA ILE A 288 14.30 -13.58 9.34
C ILE A 288 14.88 -13.48 10.76
N ALA A 289 14.03 -13.57 11.79
CA ALA A 289 14.54 -13.66 13.18
C ALA A 289 15.29 -14.98 13.39
N GLU A 290 14.81 -16.05 12.79
CA GLU A 290 15.50 -17.33 12.87
C GLU A 290 16.80 -17.35 12.05
N ALA A 291 16.79 -16.75 10.86
CA ALA A 291 18.01 -16.61 10.05
C ALA A 291 19.06 -15.74 10.77
N LYS A 292 18.59 -14.64 11.35
CA LYS A 292 19.47 -13.70 12.06
C LYS A 292 20.10 -14.36 13.27
N ALA A 293 19.38 -15.28 13.91
CA ALA A 293 19.91 -16.02 15.05
C ALA A 293 20.49 -17.40 14.65
N GLU A 294 21.22 -17.48 13.53
CA GLU A 294 21.79 -18.75 13.03
C GLU A 294 23.06 -18.49 12.23
N SER B 1 -26.86 43.96 6.00
CA SER B 1 -26.44 42.85 5.08
C SER B 1 -25.33 42.00 5.63
N MET B 2 -25.70 41.02 6.44
CA MET B 2 -24.72 40.29 7.22
C MET B 2 -23.70 39.60 6.35
N LYS B 3 -22.46 39.64 6.80
CA LYS B 3 -21.35 39.12 6.05
C LYS B 3 -20.26 38.59 6.98
N GLN B 4 -19.61 37.52 6.57
CA GLN B 4 -18.51 36.99 7.33
C GLN B 4 -17.32 37.87 7.08
N TYR B 5 -16.76 38.45 8.15
CA TYR B 5 -15.74 39.43 8.01
C TYR B 5 -14.38 38.82 7.72
N GLU B 6 -14.08 37.70 8.37
CA GLU B 6 -12.75 37.09 8.27
C GLU B 6 -12.86 35.60 8.52
N HIS B 7 -11.84 34.88 8.09
CA HIS B 7 -11.69 33.49 8.40
C HIS B 7 -11.26 33.27 9.84
N VAL B 8 -11.43 32.05 10.34
CA VAL B 8 -10.93 31.73 11.69
C VAL B 8 -9.42 31.48 11.68
N THR B 9 -8.87 31.10 10.53
CA THR B 9 -7.43 30.98 10.39
C THR B 9 -6.70 32.30 10.63
N ARG B 10 -5.70 32.28 11.53
CA ARG B 10 -4.91 33.49 11.89
C ARG B 10 -3.53 33.51 11.27
N ASP B 11 -3.04 34.70 10.93
CA ASP B 11 -1.71 34.87 10.38
C ASP B 11 -0.75 35.11 11.54
N LEU B 12 -0.50 34.08 12.33
CA LEU B 12 0.33 34.15 13.52
C LEU B 12 1.16 32.89 13.65
N ASN B 13 2.21 32.99 14.44
CA ASN B 13 3.07 31.85 14.74
C ASN B 13 2.38 30.88 15.72
N PRO B 14 2.13 29.64 15.27
CA PRO B 14 1.44 28.71 16.17
C PRO B 14 2.22 28.43 17.45
N GLU B 15 3.55 28.51 17.38
CA GLU B 15 4.41 28.35 18.58
C GLU B 15 4.22 29.41 19.67
N ASP B 16 3.61 30.55 19.34
CA ASP B 16 3.20 31.49 20.37
C ASP B 16 2.13 30.88 21.30
N PHE B 17 1.36 29.91 20.81
CA PHE B 17 0.24 29.37 21.58
C PHE B 17 0.30 27.90 21.90
N TRP B 18 1.07 27.15 21.12
CA TRP B 18 1.11 25.70 21.19
C TRP B 18 2.55 25.22 21.31
N GLU B 19 2.74 24.18 22.11
CA GLU B 19 4.00 23.46 22.24
C GLU B 19 3.82 22.17 21.45
N ILE B 20 4.85 21.73 20.76
CA ILE B 20 4.81 20.44 20.03
C ILE B 20 5.42 19.32 20.88
N ILE B 21 4.59 18.34 21.26
CA ILE B 21 5.01 17.23 22.08
C ILE B 21 5.83 16.23 21.25
N GLY B 22 5.32 15.90 20.06
CA GLY B 22 6.05 14.98 19.17
C GLY B 22 5.30 14.76 17.86
N GLU B 23 5.99 14.18 16.90
CA GLU B 23 5.40 13.87 15.59
C GLU B 23 4.58 12.61 15.73
N LEU B 24 3.46 12.55 15.01
CA LEU B 24 2.59 11.38 15.06
C LEU B 24 2.69 10.63 13.74
N GLY B 25 2.86 9.32 13.85
CA GLY B 25 2.82 8.42 12.70
C GLY B 25 4.09 8.29 11.89
N ASP B 26 5.14 9.04 12.25
CA ASP B 26 6.42 9.00 11.50
C ASP B 26 6.21 9.16 9.97
N GLY B 27 5.40 10.14 9.57
CA GLY B 27 5.15 10.43 8.16
C GLY B 27 4.11 9.55 7.45
N ALA B 28 3.67 8.46 8.12
CA ALA B 28 2.77 7.45 7.53
C ALA B 28 1.38 7.98 7.14
N PHE B 29 0.93 9.02 7.84
CA PHE B 29 -0.30 9.72 7.52
C PHE B 29 -0.11 11.24 7.51
N GLY B 30 0.99 11.70 6.89
CA GLY B 30 1.26 13.14 6.67
C GLY B 30 2.12 13.80 7.76
N LYS B 31 2.28 15.12 7.64
CA LYS B 31 2.97 15.93 8.66
C LYS B 31 2.02 16.35 9.81
N VAL B 32 2.02 15.51 10.85
CA VAL B 32 1.06 15.61 11.96
C VAL B 32 1.79 15.52 13.31
N TYR B 33 1.43 16.42 14.20
CA TYR B 33 2.05 16.50 15.51
C TYR B 33 1.02 16.42 16.63
N LYS B 34 1.45 15.88 17.77
CA LYS B 34 0.74 16.06 19.01
C LYS B 34 1.19 17.38 19.63
N ALA B 35 0.23 18.22 20.02
CA ALA B 35 0.50 19.54 20.52
C ALA B 35 -0.24 19.82 21.84
N GLN B 36 0.22 20.83 22.54
CA GLN B 36 -0.38 21.21 23.80
C GLN B 36 -0.46 22.74 23.91
N ASN B 37 -1.63 23.23 24.29
CA ASN B 37 -1.86 24.65 24.46
C ASN B 37 -1.10 25.21 25.67
N LYS B 38 -0.33 26.25 25.46
CA LYS B 38 0.53 26.79 26.53
C LYS B 38 -0.28 27.40 27.69
N GLU B 39 -1.43 28.00 27.39
CA GLU B 39 -2.25 28.67 28.40
CA GLU B 39 -2.25 28.68 28.39
C GLU B 39 -3.26 27.74 29.06
N THR B 40 -3.84 26.84 28.27
CA THR B 40 -4.94 26.00 28.76
C THR B 40 -4.56 24.56 29.03
N SER B 41 -3.41 24.14 28.52
CA SER B 41 -2.92 22.74 28.60
C SER B 41 -3.72 21.73 27.78
N VAL B 42 -4.68 22.20 27.00
CA VAL B 42 -5.47 21.30 26.19
C VAL B 42 -4.58 20.62 25.15
N LEU B 43 -4.79 19.31 24.94
CA LEU B 43 -4.05 18.54 23.93
C LEU B 43 -4.74 18.64 22.56
N ALA B 44 -3.93 18.67 21.51
CA ALA B 44 -4.40 18.77 20.14
C ALA B 44 -3.57 17.91 19.22
N ALA B 45 -4.12 17.62 18.03
CA ALA B 45 -3.33 17.13 16.91
C ALA B 45 -3.23 18.27 15.90
N ALA B 46 -2.04 18.52 15.38
CA ALA B 46 -1.78 19.60 14.43
C ALA B 46 -1.38 19.00 13.11
N LYS B 47 -2.08 19.37 12.05
CA LYS B 47 -1.69 18.97 10.71
C LYS B 47 -1.10 20.19 10.02
N VAL B 48 0.02 20.01 9.34
CA VAL B 48 0.72 21.09 8.68
C VAL B 48 0.74 20.85 7.15
N ILE B 49 0.17 21.79 6.41
CA ILE B 49 0.06 21.70 4.95
C ILE B 49 0.84 22.81 4.25
N ASP B 50 1.77 22.45 3.37
CA ASP B 50 2.51 23.41 2.54
C ASP B 50 1.63 23.81 1.35
N THR B 51 0.94 24.95 1.49
CA THR B 51 0.10 25.48 0.43
C THR B 51 0.93 26.15 -0.63
N LYS B 52 0.52 25.98 -1.88
CA LYS B 52 1.32 26.41 -3.04
C LYS B 52 0.83 27.70 -3.70
N SER B 53 -0.31 28.23 -3.24
CA SER B 53 -0.85 29.47 -3.79
C SER B 53 -1.88 30.12 -2.87
N GLU B 54 -2.15 31.41 -3.07
CA GLU B 54 -3.24 32.10 -2.37
C GLU B 54 -4.59 31.40 -2.62
N GLU B 55 -4.81 30.95 -3.85
CA GLU B 55 -6.07 30.27 -4.23
C GLU B 55 -6.27 28.95 -3.47
N GLU B 56 -5.22 28.14 -3.40
CA GLU B 56 -5.27 26.87 -2.66
C GLU B 56 -5.51 27.13 -1.17
N LEU B 57 -4.82 28.14 -0.66
CA LEU B 57 -4.95 28.51 0.72
C LEU B 57 -6.37 28.95 1.05
N GLU B 58 -6.96 29.78 0.19
CA GLU B 58 -8.33 30.23 0.39
C GLU B 58 -9.29 29.05 0.47
N ASP B 59 -9.15 28.10 -0.46
CA ASP B 59 -10.01 26.90 -0.45
C ASP B 59 -9.93 26.14 0.88
N TYR B 60 -8.71 25.96 1.38
CA TYR B 60 -8.54 25.34 2.68
CA TYR B 60 -8.51 25.35 2.69
C TYR B 60 -9.17 26.16 3.80
N MET B 61 -9.00 27.47 3.76
CA MET B 61 -9.54 28.34 4.80
C MET B 61 -11.07 28.31 4.85
N VAL B 62 -11.70 28.19 3.68
CA VAL B 62 -13.16 28.00 3.62
C VAL B 62 -13.59 26.68 4.28
N GLU B 63 -12.87 25.59 3.99
CA GLU B 63 -13.12 24.27 4.61
C GLU B 63 -12.97 24.34 6.12
N ILE B 64 -11.94 25.04 6.58
CA ILE B 64 -11.68 25.18 7.99
C ILE B 64 -12.80 25.91 8.68
N ASP B 65 -13.33 26.96 8.03
CA ASP B 65 -14.47 27.68 8.61
C ASP B 65 -15.67 26.76 8.76
N ILE B 66 -15.89 25.87 7.80
CA ILE B 66 -17.02 24.95 7.92
C ILE B 66 -16.83 24.05 9.12
N LEU B 67 -15.63 23.48 9.23
CA LEU B 67 -15.36 22.57 10.34
C LEU B 67 -15.55 23.29 11.68
N ALA B 68 -15.07 24.52 11.78
CA ALA B 68 -15.22 25.34 12.98
C ALA B 68 -16.68 25.59 13.35
N SER B 69 -17.53 25.60 12.35
CA SER B 69 -18.95 25.90 12.53
C SER B 69 -19.66 24.66 13.06
N CYS B 70 -19.06 23.49 12.92
CA CYS B 70 -19.71 22.26 13.37
C CYS B 70 -19.74 22.15 14.89
N ASP B 71 -20.86 21.72 15.40
CA ASP B 71 -21.00 21.44 16.80
C ASP B 71 -21.75 20.14 17.00
N HIS B 72 -21.02 19.02 17.00
CA HIS B 72 -21.63 17.73 17.16
C HIS B 72 -20.64 16.85 17.89
N PRO B 73 -21.12 15.95 18.76
CA PRO B 73 -20.16 15.18 19.56
C PRO B 73 -19.33 14.16 18.76
N ASN B 74 -19.76 13.82 17.55
CA ASN B 74 -18.96 12.94 16.67
C ASN B 74 -18.23 13.64 15.51
N ILE B 75 -18.05 14.95 15.60
CA ILE B 75 -17.23 15.67 14.67
C ILE B 75 -16.14 16.32 15.48
N VAL B 76 -14.90 16.16 15.03
CA VAL B 76 -13.77 16.67 15.74
CA VAL B 76 -13.74 16.71 15.71
C VAL B 76 -13.87 18.21 15.87
N LYS B 77 -13.53 18.73 17.05
CA LYS B 77 -13.55 20.16 17.27
C LYS B 77 -12.28 20.78 16.73
N LEU B 78 -12.44 21.90 16.04
CA LEU B 78 -11.32 22.70 15.59
C LEU B 78 -10.89 23.58 16.75
N LEU B 79 -9.64 23.46 17.17
CA LEU B 79 -9.12 24.26 18.26
C LEU B 79 -8.36 25.51 17.81
N ASP B 80 -7.71 25.47 16.66
CA ASP B 80 -7.00 26.66 16.17
C ASP B 80 -6.63 26.38 14.73
N ALA B 81 -6.37 27.44 13.98
CA ALA B 81 -5.76 27.33 12.68
C ALA B 81 -4.86 28.52 12.44
N PHE B 82 -3.68 28.30 11.88
CA PHE B 82 -2.73 29.36 11.57
C PHE B 82 -2.18 29.24 10.17
N TYR B 83 -1.86 30.38 9.58
CA TYR B 83 -1.02 30.44 8.40
C TYR B 83 0.24 31.19 8.73
N TYR B 84 1.38 30.53 8.57
CA TYR B 84 2.66 31.05 9.05
C TYR B 84 3.81 30.47 8.24
N GLU B 85 4.63 31.34 7.65
CA GLU B 85 5.84 30.92 6.93
C GLU B 85 5.51 29.84 5.90
N ASN B 86 4.52 30.15 5.07
CA ASN B 86 4.10 29.33 3.93
C ASN B 86 3.46 28.00 4.31
N ASN B 87 3.14 27.80 5.59
CA ASN B 87 2.46 26.59 6.04
C ASN B 87 1.14 26.89 6.72
N LEU B 88 0.15 26.06 6.43
CA LEU B 88 -1.10 26.06 7.12
C LEU B 88 -1.06 25.04 8.24
N TRP B 89 -1.30 25.48 9.47
CA TRP B 89 -1.39 24.63 10.62
C TRP B 89 -2.85 24.50 11.07
N ILE B 90 -3.36 23.27 11.15
CA ILE B 90 -4.72 23.06 11.59
C ILE B 90 -4.69 22.20 12.82
N LEU B 91 -5.29 22.70 13.90
CA LEU B 91 -5.30 22.01 15.17
C LEU B 91 -6.69 21.55 15.55
N ILE B 92 -6.82 20.26 15.78
CA ILE B 92 -8.06 19.68 16.27
C ILE B 92 -7.89 19.01 17.62
N GLU B 93 -9.01 18.69 18.27
CA GLU B 93 -8.93 17.96 19.52
C GLU B 93 -8.14 16.65 19.34
N PHE B 94 -7.33 16.35 20.34
CA PHE B 94 -6.53 15.14 20.34
C PHE B 94 -7.42 13.94 20.58
N CYS B 95 -7.24 12.94 19.71
CA CYS B 95 -7.98 11.70 19.72
C CYS B 95 -7.00 10.55 19.92
N ALA B 96 -6.89 10.10 21.16
CA ALA B 96 -5.78 9.24 21.56
C ALA B 96 -5.75 7.89 20.87
N GLY B 97 -6.90 7.43 20.37
CA GLY B 97 -6.98 6.16 19.66
C GLY B 97 -6.47 6.19 18.23
N GLY B 98 -6.30 7.40 17.69
CA GLY B 98 -5.83 7.55 16.31
C GLY B 98 -6.87 7.14 15.28
N ALA B 99 -6.42 7.06 14.03
CA ALA B 99 -7.32 6.81 12.92
C ALA B 99 -7.63 5.33 12.78
N VAL B 100 -8.84 5.04 12.34
CA VAL B 100 -9.32 3.64 12.27
C VAL B 100 -8.45 2.79 11.35
N ASP B 101 -8.06 3.33 10.20
CA ASP B 101 -7.22 2.54 9.29
C ASP B 101 -5.81 2.27 9.83
N ALA B 102 -5.27 3.21 10.60
CA ALA B 102 -3.97 3.01 11.25
C ALA B 102 -4.04 1.89 12.28
N VAL B 103 -5.17 1.82 12.99
CA VAL B 103 -5.38 0.77 13.98
C VAL B 103 -5.41 -0.60 13.28
N MET B 104 -6.12 -0.69 12.16
CA MET B 104 -6.16 -1.95 11.41
C MET B 104 -4.78 -2.40 10.94
N LEU B 105 -3.97 -1.45 10.48
CA LEU B 105 -2.62 -1.79 10.01
C LEU B 105 -1.72 -2.19 11.16
N GLU B 106 -1.84 -1.50 12.28
CA GLU B 106 -1.04 -1.83 13.46
C GLU B 106 -1.36 -3.26 13.95
N LEU B 107 -2.63 -3.62 13.98
CA LEU B 107 -3.08 -4.93 14.44
C LEU B 107 -3.10 -6.00 13.34
N GLU B 108 -2.89 -5.57 12.10
CA GLU B 108 -2.88 -6.45 10.94
C GLU B 108 -4.19 -7.25 10.83
N ARG B 109 -5.30 -6.57 11.06
CA ARG B 109 -6.59 -7.23 10.96
C ARG B 109 -7.68 -6.18 10.83
N PRO B 110 -8.82 -6.55 10.21
CA PRO B 110 -9.99 -5.72 10.14
C PRO B 110 -10.74 -5.63 11.46
N LEU B 111 -11.69 -4.70 11.51
CA LEU B 111 -12.57 -4.58 12.67
C LEU B 111 -13.54 -5.77 12.68
N THR B 112 -14.01 -6.14 13.86
CA THR B 112 -15.08 -7.13 13.99
C THR B 112 -16.39 -6.43 13.66
N GLU B 113 -17.44 -7.20 13.40
CA GLU B 113 -18.73 -6.60 13.11
C GLU B 113 -19.24 -5.71 14.27
N SER B 114 -19.08 -6.16 15.51
CA SER B 114 -19.51 -5.35 16.66
C SER B 114 -18.75 -4.01 16.73
N GLN B 115 -17.49 -4.00 16.31
CA GLN B 115 -16.73 -2.74 16.25
C GLN B 115 -17.20 -1.85 15.13
N ILE B 116 -17.43 -2.47 13.96
CA ILE B 116 -17.93 -1.73 12.81
C ILE B 116 -19.29 -1.09 13.13
N GLN B 117 -20.14 -1.82 13.84
CA GLN B 117 -21.46 -1.31 14.18
C GLN B 117 -21.39 0.01 14.98
N VAL B 118 -20.47 0.06 15.94
CA VAL B 118 -20.28 1.28 16.72
C VAL B 118 -19.76 2.42 15.84
N VAL B 119 -18.74 2.13 15.02
CA VAL B 119 -18.17 3.15 14.16
C VAL B 119 -19.22 3.65 13.16
N CYS B 120 -20.00 2.73 12.61
CA CYS B 120 -21.08 3.06 11.67
C CYS B 120 -22.11 3.98 12.28
N LYS B 121 -22.60 3.61 13.46
CA LYS B 121 -23.62 4.39 14.14
C LYS B 121 -23.12 5.80 14.39
N GLN B 122 -21.90 5.92 14.95
CA GLN B 122 -21.44 7.23 15.35
C GLN B 122 -21.05 8.08 14.16
N THR B 123 -20.45 7.47 13.15
CA THR B 123 -20.13 8.18 11.92
C THR B 123 -21.39 8.63 11.16
N LEU B 124 -22.41 7.79 11.16
CA LEU B 124 -23.68 8.17 10.54
C LEU B 124 -24.29 9.36 11.26
N ASP B 125 -24.21 9.36 12.60
CA ASP B 125 -24.73 10.50 13.36
C ASP B 125 -24.00 11.76 12.89
N ALA B 126 -22.69 11.67 12.72
CA ALA B 126 -21.93 12.87 12.27
C ALA B 126 -22.32 13.29 10.85
N LEU B 127 -22.43 12.31 9.97
CA LEU B 127 -22.71 12.58 8.54
C LEU B 127 -24.12 13.14 8.37
N ASN B 128 -25.07 12.60 9.16
CA ASN B 128 -26.43 13.14 9.16
C ASN B 128 -26.48 14.59 9.63
N TYR B 129 -25.69 14.92 10.65
CA TYR B 129 -25.58 16.31 11.07
C TYR B 129 -25.06 17.19 9.92
N LEU B 130 -24.00 16.74 9.24
CA LEU B 130 -23.47 17.52 8.10
C LEU B 130 -24.55 17.77 7.05
N HIS B 131 -25.21 16.70 6.64
CA HIS B 131 -26.25 16.80 5.60
C HIS B 131 -27.40 17.69 6.00
N ASP B 132 -27.82 17.58 7.26
CA ASP B 132 -28.89 18.44 7.76
C ASP B 132 -28.51 19.90 7.71
N ASN B 133 -27.20 20.18 7.84
CA ASN B 133 -26.69 21.54 7.78
C ASN B 133 -26.13 21.92 6.41
N LYS B 134 -26.52 21.17 5.39
CA LYS B 134 -26.20 21.45 3.97
C LYS B 134 -24.72 21.35 3.63
N ILE B 135 -24.01 20.51 4.38
CA ILE B 135 -22.61 20.29 4.18
C ILE B 135 -22.38 18.88 3.65
N ILE B 136 -21.50 18.78 2.67
CA ILE B 136 -21.06 17.47 2.19
C ILE B 136 -19.59 17.29 2.54
N HIS B 137 -19.21 16.05 2.84
CA HIS B 137 -17.84 15.77 3.26
C HIS B 137 -16.90 15.65 2.05
N ARG B 138 -17.31 14.81 1.10
CA ARG B 138 -16.62 14.52 -0.16
C ARG B 138 -15.40 13.58 -0.10
N ASP B 139 -14.90 13.25 1.09
CA ASP B 139 -13.76 12.33 1.20
C ASP B 139 -13.92 11.36 2.38
N LEU B 140 -15.09 10.81 2.55
CA LEU B 140 -15.31 9.87 3.65
C LEU B 140 -14.50 8.59 3.40
N LYS B 141 -13.76 8.17 4.41
CA LYS B 141 -12.90 6.99 4.36
C LYS B 141 -12.38 6.74 5.76
N ALA B 142 -11.84 5.56 6.03
CA ALA B 142 -11.41 5.21 7.41
C ALA B 142 -10.36 6.16 7.95
N GLY B 143 -9.56 6.76 7.07
CA GLY B 143 -8.53 7.71 7.49
C GLY B 143 -9.05 9.06 8.00
N ASN B 144 -10.35 9.31 7.81
CA ASN B 144 -11.01 10.49 8.40
C ASN B 144 -11.85 10.15 9.62
N ILE B 145 -11.71 8.93 10.15
CA ILE B 145 -12.44 8.51 11.35
C ILE B 145 -11.43 8.26 12.47
N LEU B 146 -11.60 8.97 13.59
CA LEU B 146 -10.68 8.95 14.71
C LEU B 146 -11.37 8.43 15.96
N PHE B 147 -10.60 7.75 16.80
CA PHE B 147 -11.05 7.21 18.06
C PHE B 147 -10.55 8.07 19.22
N THR B 148 -11.43 8.38 20.17
CA THR B 148 -10.99 8.97 21.42
C THR B 148 -10.50 7.90 22.40
N LEU B 149 -9.90 8.40 23.49
CA LEU B 149 -9.47 7.57 24.60
C LEU B 149 -10.60 6.73 25.18
N ASP B 150 -11.82 7.26 25.18
CA ASP B 150 -12.96 6.60 25.81
C ASP B 150 -13.75 5.74 24.84
N GLY B 151 -13.26 5.61 23.61
CA GLY B 151 -13.86 4.73 22.63
C GLY B 151 -14.97 5.34 21.78
N ASP B 152 -15.02 6.67 21.68
CA ASP B 152 -15.97 7.31 20.76
C ASP B 152 -15.30 7.67 19.47
N ILE B 153 -16.11 7.94 18.47
CA ILE B 153 -15.68 8.24 17.12
C ILE B 153 -15.76 9.72 16.92
N LYS B 154 -14.74 10.27 16.27
CA LYS B 154 -14.78 11.65 15.78
C LYS B 154 -14.50 11.65 14.29
N LEU B 155 -15.42 12.19 13.52
CA LEU B 155 -15.22 12.42 12.10
C LEU B 155 -14.33 13.67 11.91
N ALA B 156 -13.30 13.49 11.10
CA ALA B 156 -12.39 14.56 10.76
C ALA B 156 -12.44 14.87 9.26
N ASP B 157 -11.49 15.65 8.80
CA ASP B 157 -11.37 16.00 7.38
C ASP B 157 -9.87 16.12 7.14
N PHE B 158 -9.46 16.09 5.88
CA PHE B 158 -8.05 16.14 5.48
C PHE B 158 -7.19 14.95 5.93
N GLY B 159 -7.84 13.85 6.32
CA GLY B 159 -7.11 12.63 6.62
C GLY B 159 -6.54 12.01 5.35
N VAL B 160 -5.49 11.23 5.54
CA VAL B 160 -4.81 10.47 4.50
C VAL B 160 -5.05 8.98 4.82
N SER B 161 -5.15 8.13 3.80
CA SER B 161 -5.20 6.70 4.07
C SER B 161 -3.84 6.22 4.60
N ALA B 162 -3.88 5.39 5.62
CA ALA B 162 -2.69 4.90 6.26
C ALA B 162 -1.93 3.94 5.32
N LYS B 163 -2.64 3.19 4.49
CA LYS B 163 -1.99 2.29 3.52
C LYS B 163 -1.24 3.00 2.37
N ASN B 164 -1.75 4.13 1.89
CA ASN B 164 -1.26 4.78 0.65
C ASN B 164 0.26 5.00 0.59
N PHE B 174 -7.50 15.49 -0.83
CA PHE B 174 -8.54 15.45 0.22
C PHE B 174 -9.98 15.50 -0.32
N ILE B 175 -10.12 15.32 -1.64
CA ILE B 175 -11.43 15.31 -2.30
C ILE B 175 -11.57 14.08 -3.19
N GLY B 176 -12.60 13.27 -2.96
CA GLY B 176 -12.93 12.18 -3.86
C GLY B 176 -11.82 11.18 -4.12
N THR B 177 -11.23 10.66 -3.06
CA THR B 177 -10.25 9.60 -3.25
C THR B 177 -10.92 8.51 -4.11
N PRO B 178 -10.27 8.08 -5.20
CA PRO B 178 -11.08 7.33 -6.20
C PRO B 178 -11.79 6.07 -5.69
N TYR B 179 -11.15 5.30 -4.81
CA TYR B 179 -11.73 4.01 -4.40
C TYR B 179 -13.05 4.15 -3.67
N TRP B 180 -13.31 5.31 -3.07
CA TRP B 180 -14.49 5.55 -2.30
C TRP B 180 -15.53 6.37 -3.09
N MET B 181 -15.24 6.71 -4.33
CA MET B 181 -16.09 7.62 -5.12
C MET B 181 -17.34 6.91 -5.63
N ALA B 182 -18.48 7.57 -5.53
CA ALA B 182 -19.73 7.03 -6.11
C ALA B 182 -19.69 6.93 -7.64
N PRO B 183 -20.34 5.90 -8.22
CA PRO B 183 -20.28 5.69 -9.67
C PRO B 183 -20.77 6.88 -10.50
N GLU B 184 -21.84 7.53 -10.04
CA GLU B 184 -22.43 8.64 -10.77
C GLU B 184 -21.61 9.93 -10.68
N VAL B 185 -20.58 9.96 -9.82
CA VAL B 185 -19.66 11.08 -9.66
C VAL B 185 -18.42 11.00 -10.57
N VAL B 186 -18.14 9.81 -11.04
CA VAL B 186 -16.98 9.55 -11.90
C VAL B 186 -16.93 10.43 -13.16
N MET B 187 -18.03 10.49 -13.89
CA MET B 187 -18.07 11.18 -15.17
C MET B 187 -18.20 12.72 -15.04
N CYS B 188 -17.24 13.45 -15.56
CA CYS B 188 -17.34 14.90 -15.62
C CYS B 188 -16.29 15.45 -16.57
N GLU B 189 -16.49 16.68 -16.99
CA GLU B 189 -15.63 17.26 -18.00
C GLU B 189 -14.22 17.61 -17.47
N THR B 190 -14.17 17.93 -16.18
CA THR B 190 -12.94 18.26 -15.46
C THR B 190 -13.09 17.77 -14.02
N SER B 191 -11.98 17.55 -13.34
CA SER B 191 -12.03 17.18 -11.91
C SER B 191 -12.88 18.12 -11.04
N LYS B 192 -12.81 19.43 -11.29
CA LYS B 192 -13.58 20.42 -10.49
C LYS B 192 -15.10 20.36 -10.72
N ASP B 193 -15.52 19.88 -11.89
CA ASP B 193 -16.96 19.78 -12.21
C ASP B 193 -17.65 18.63 -11.50
N ARG B 194 -16.89 17.82 -10.77
CA ARG B 194 -17.43 16.57 -10.26
C ARG B 194 -18.64 16.78 -9.34
N PRO B 195 -19.79 16.13 -9.62
CA PRO B 195 -21.04 16.47 -8.91
C PRO B 195 -21.20 15.80 -7.56
N TYR B 196 -20.35 16.15 -6.62
CA TYR B 196 -20.49 15.64 -5.27
C TYR B 196 -21.76 16.18 -4.62
N ASP B 197 -22.48 15.31 -3.92
CA ASP B 197 -23.70 15.67 -3.23
C ASP B 197 -23.91 14.75 -2.05
N TYR B 198 -25.09 14.83 -1.41
CA TYR B 198 -25.33 14.04 -0.21
C TYR B 198 -25.27 12.56 -0.49
N LYS B 199 -25.90 12.13 -1.59
CA LYS B 199 -25.94 10.70 -1.93
C LYS B 199 -24.53 10.13 -2.17
N ALA B 200 -23.65 10.94 -2.72
CA ALA B 200 -22.28 10.48 -2.97
C ALA B 200 -21.58 10.17 -1.65
N ASP B 201 -21.82 11.00 -0.62
CA ASP B 201 -21.24 10.71 0.71
C ASP B 201 -21.79 9.37 1.27
N VAL B 202 -23.08 9.10 1.06
CA VAL B 202 -23.66 7.83 1.50
C VAL B 202 -22.97 6.63 0.86
N TRP B 203 -22.67 6.72 -0.44
CA TRP B 203 -21.93 5.66 -1.10
C TRP B 203 -20.55 5.51 -0.42
N SER B 204 -19.85 6.62 -0.24
CA SER B 204 -18.52 6.59 0.41
C SER B 204 -18.58 5.95 1.81
N LEU B 205 -19.67 6.16 2.56
CA LEU B 205 -19.87 5.50 3.84
C LEU B 205 -19.91 4.00 3.66
N GLY B 206 -20.63 3.53 2.65
CA GLY B 206 -20.67 2.10 2.38
C GLY B 206 -19.31 1.53 2.07
N ILE B 207 -18.52 2.22 1.26
CA ILE B 207 -17.19 1.73 0.93
C ILE B 207 -16.31 1.70 2.19
N THR B 208 -16.47 2.69 3.05
CA THR B 208 -15.72 2.78 4.31
C THR B 208 -16.04 1.58 5.20
N LEU B 209 -17.30 1.16 5.20
CA LEU B 209 -17.69 -0.04 5.95
C LEU B 209 -16.96 -1.29 5.45
N ILE B 210 -16.86 -1.45 4.13
CA ILE B 210 -16.14 -2.57 3.55
C ILE B 210 -14.66 -2.46 3.86
N GLU B 211 -14.13 -1.23 3.77
CA GLU B 211 -12.75 -0.96 4.14
C GLU B 211 -12.46 -1.45 5.59
N MET B 212 -13.37 -1.19 6.52
CA MET B 212 -13.19 -1.61 7.91
C MET B 212 -13.37 -3.11 8.12
N ALA B 213 -14.15 -3.77 7.24
CA ALA B 213 -14.37 -5.19 7.29
C ALA B 213 -13.22 -5.97 6.63
N GLU B 214 -12.50 -5.33 5.71
CA GLU B 214 -11.53 -6.00 4.87
C GLU B 214 -10.16 -5.31 4.80
N ILE B 215 -9.96 -4.25 5.60
CA ILE B 215 -8.71 -3.46 5.67
C ILE B 215 -8.60 -2.48 4.49
N GLU B 216 -8.82 -2.96 3.26
CA GLU B 216 -8.73 -2.11 2.10
C GLU B 216 -10.05 -2.07 1.35
N PRO B 217 -10.28 -0.97 0.61
CA PRO B 217 -11.52 -0.89 -0.13
C PRO B 217 -11.55 -1.78 -1.37
N PRO B 218 -12.75 -1.99 -1.93
CA PRO B 218 -12.87 -2.77 -3.16
C PRO B 218 -12.05 -2.21 -4.32
N HIS B 219 -11.56 -3.11 -5.16
CA HIS B 219 -10.78 -2.79 -6.35
C HIS B 219 -9.40 -2.17 -6.02
N HIS B 220 -8.92 -2.33 -4.78
CA HIS B 220 -7.66 -1.69 -4.33
C HIS B 220 -6.45 -2.10 -5.18
N GLU B 221 -6.56 -3.22 -5.89
CA GLU B 221 -5.50 -3.71 -6.76
C GLU B 221 -5.40 -2.98 -8.10
N LEU B 222 -6.41 -2.18 -8.43
CA LEU B 222 -6.38 -1.34 -9.63
C LEU B 222 -5.78 0.02 -9.30
N ASN B 223 -5.13 0.63 -10.28
CA ASN B 223 -4.53 1.96 -10.09
C ASN B 223 -5.63 3.05 -10.01
N PRO B 224 -5.32 4.21 -9.38
CA PRO B 224 -6.41 5.16 -9.08
C PRO B 224 -7.10 5.73 -10.32
N MET B 225 -6.45 5.67 -11.47
CA MET B 225 -7.04 6.06 -12.74
C MET B 225 -7.97 4.97 -13.31
N ARG B 226 -7.44 3.75 -13.40
CA ARG B 226 -8.21 2.62 -13.96
C ARG B 226 -9.42 2.26 -13.09
N VAL B 227 -9.35 2.50 -11.78
CA VAL B 227 -10.43 2.10 -10.89
C VAL B 227 -11.73 2.88 -11.12
N LEU B 228 -11.61 4.09 -11.66
CA LEU B 228 -12.76 4.94 -11.89
C LEU B 228 -13.75 4.30 -12.87
N LEU B 229 -13.23 3.77 -13.98
CA LEU B 229 -14.05 3.07 -14.99
C LEU B 229 -14.71 1.81 -14.44
N LYS B 230 -13.96 1.08 -13.61
CA LYS B 230 -14.46 -0.11 -12.94
C LYS B 230 -15.62 0.21 -12.05
N ILE B 231 -15.49 1.29 -11.28
CA ILE B 231 -16.54 1.71 -10.36
C ILE B 231 -17.77 2.17 -11.12
N ALA B 232 -17.55 3.00 -12.13
CA ALA B 232 -18.62 3.48 -13.00
C ALA B 232 -19.41 2.33 -13.59
N LYS B 233 -18.74 1.27 -14.05
CA LYS B 233 -19.42 0.31 -14.93
C LYS B 233 -19.76 -1.03 -14.31
N SER B 234 -19.26 -1.31 -13.11
CA SER B 234 -19.57 -2.55 -12.41
C SER B 234 -20.74 -2.39 -11.47
N GLU B 235 -21.34 -3.52 -11.10
CA GLU B 235 -22.32 -3.54 -10.02
C GLU B 235 -21.63 -3.13 -8.72
N PRO B 236 -22.41 -2.72 -7.71
CA PRO B 236 -21.81 -2.30 -6.47
C PRO B 236 -21.10 -3.42 -5.78
N PRO B 237 -20.04 -3.09 -5.04
CA PRO B 237 -19.32 -4.14 -4.32
C PRO B 237 -20.12 -4.72 -3.14
N THR B 238 -19.83 -5.99 -2.86
CA THR B 238 -20.33 -6.67 -1.66
C THR B 238 -19.14 -7.20 -0.84
N LEU B 239 -19.43 -7.61 0.39
CA LEU B 239 -18.44 -8.24 1.28
C LEU B 239 -17.90 -9.53 0.70
N ALA B 240 -16.58 -9.70 0.72
CA ALA B 240 -15.93 -10.83 0.06
C ALA B 240 -16.30 -12.21 0.66
N GLN B 241 -16.58 -12.25 1.95
CA GLN B 241 -16.97 -13.49 2.63
C GLN B 241 -18.30 -13.23 3.34
N PRO B 242 -19.42 -13.22 2.59
CA PRO B 242 -20.70 -12.81 3.15
C PRO B 242 -21.21 -13.68 4.33
N SER B 243 -20.77 -14.93 4.41
CA SER B 243 -21.19 -15.81 5.50
C SER B 243 -20.57 -15.43 6.85
N ARG B 244 -19.59 -14.53 6.86
CA ARG B 244 -18.98 -14.07 8.10
C ARG B 244 -19.69 -12.84 8.71
N TRP B 245 -20.71 -12.34 8.05
CA TRP B 245 -21.35 -11.06 8.43
C TRP B 245 -22.85 -11.22 8.55
N SER B 246 -23.47 -10.42 9.40
CA SER B 246 -24.91 -10.55 9.67
C SER B 246 -25.74 -10.00 8.50
N SER B 247 -26.99 -10.47 8.38
CA SER B 247 -27.89 -9.95 7.36
CA SER B 247 -27.89 -9.94 7.35
C SER B 247 -28.08 -8.44 7.52
N ASN B 248 -28.13 -7.96 8.77
CA ASN B 248 -28.30 -6.51 9.02
C ASN B 248 -27.15 -5.68 8.45
N PHE B 249 -25.92 -6.15 8.63
CA PHE B 249 -24.76 -5.47 8.07
C PHE B 249 -24.84 -5.46 6.55
N LYS B 250 -25.08 -6.64 5.97
CA LYS B 250 -25.16 -6.75 4.51
C LYS B 250 -26.26 -5.87 3.95
N ASP B 251 -27.38 -5.79 4.67
CA ASP B 251 -28.53 -4.99 4.18
C ASP B 251 -28.22 -3.51 4.29
N PHE B 252 -27.62 -3.11 5.40
CA PHE B 252 -27.24 -1.73 5.58
C PHE B 252 -26.30 -1.30 4.45
N LEU B 253 -25.31 -2.13 4.14
CA LEU B 253 -24.41 -1.87 3.02
C LEU B 253 -25.12 -1.71 1.69
N LYS B 254 -26.07 -2.60 1.40
CA LYS B 254 -26.85 -2.55 0.17
C LYS B 254 -27.57 -1.22 0.02
N LYS B 255 -28.01 -0.66 1.14
CA LYS B 255 -28.77 0.59 1.09
C LYS B 255 -27.89 1.77 0.78
N CYS B 256 -26.62 1.67 1.17
CA CYS B 256 -25.61 2.69 0.83
C CYS B 256 -25.07 2.49 -0.55
N LEU B 257 -24.78 1.24 -0.90
CA LEU B 257 -24.09 0.92 -2.14
C LEU B 257 -25.11 0.50 -3.20
N GLU B 258 -25.92 1.46 -3.53
CA GLU B 258 -27.01 1.30 -4.42
C GLU B 258 -26.71 2.22 -5.62
N LYS B 259 -26.56 1.62 -6.78
CA LYS B 259 -26.20 2.36 -7.95
C LYS B 259 -27.30 3.26 -8.47
N ASN B 260 -28.54 2.82 -8.29
CA ASN B 260 -29.67 3.64 -8.67
C ASN B 260 -29.78 4.76 -7.63
N VAL B 261 -29.43 5.98 -8.02
CA VAL B 261 -29.44 7.08 -7.06
C VAL B 261 -30.81 7.36 -6.43
N ASP B 262 -31.90 7.03 -7.15
CA ASP B 262 -33.25 7.22 -6.59
C ASP B 262 -33.54 6.29 -5.41
N ALA B 263 -32.86 5.15 -5.35
CA ALA B 263 -33.10 4.14 -4.34
C ALA B 263 -32.07 4.12 -3.22
N ARG B 264 -30.98 4.88 -3.36
CA ARG B 264 -29.95 4.87 -2.32
C ARG B 264 -30.49 5.63 -1.10
N TRP B 265 -30.35 5.06 0.10
CA TRP B 265 -30.92 5.66 1.30
C TRP B 265 -30.24 6.97 1.69
N THR B 266 -31.00 7.88 2.27
CA THR B 266 -30.45 9.07 2.90
C THR B 266 -29.92 8.72 4.27
N THR B 267 -29.18 9.64 4.88
CA THR B 267 -28.68 9.42 6.23
C THR B 267 -29.87 9.30 7.20
N SER B 268 -30.92 10.08 6.99
CA SER B 268 -32.12 10.01 7.82
C SER B 268 -32.77 8.64 7.79
N GLN B 269 -32.85 8.04 6.61
CA GLN B 269 -33.33 6.66 6.50
C GLN B 269 -32.40 5.68 7.19
N LEU B 270 -31.09 5.84 6.99
CA LEU B 270 -30.13 4.91 7.56
C LEU B 270 -30.14 4.91 9.10
N LEU B 271 -30.46 6.05 9.69
CA LEU B 271 -30.52 6.15 11.14
C LEU B 271 -31.56 5.23 11.78
N GLN B 272 -32.56 4.83 11.00
CA GLN B 272 -33.59 3.90 11.45
C GLN B 272 -33.28 2.45 11.15
N HIS B 273 -32.16 2.17 10.51
CA HIS B 273 -31.81 0.80 10.15
C HIS B 273 -31.38 -0.01 11.38
N PRO B 274 -31.81 -1.28 11.47
CA PRO B 274 -31.49 -2.06 12.69
C PRO B 274 -29.97 -2.24 12.95
N PHE B 275 -29.15 -2.18 11.91
CA PHE B 275 -27.71 -2.30 12.05
C PHE B 275 -27.13 -1.25 13.01
N VAL B 276 -27.70 -0.05 13.03
CA VAL B 276 -27.16 0.98 13.89
C VAL B 276 -27.91 1.16 15.18
N THR B 277 -28.73 0.18 15.57
CA THR B 277 -29.30 0.14 16.91
CA THR B 277 -29.31 0.12 16.90
C THR B 277 -28.26 -0.41 17.86
N VAL B 278 -27.52 0.49 18.48
CA VAL B 278 -26.47 0.10 19.40
C VAL B 278 -26.23 1.31 20.32
N ASP B 279 -25.96 1.05 21.57
CA ASP B 279 -25.81 2.14 22.55
C ASP B 279 -24.62 2.00 23.48
N SER B 280 -23.70 1.10 23.16
CA SER B 280 -22.46 0.91 23.92
C SER B 280 -21.27 1.02 22.98
N ASN B 281 -20.21 1.64 23.47
CA ASN B 281 -18.96 1.63 22.72
CA ASN B 281 -18.92 1.69 22.77
C ASN B 281 -17.91 0.67 23.31
N LYS B 282 -18.35 -0.25 24.15
CA LYS B 282 -17.45 -1.28 24.69
C LYS B 282 -16.56 -1.98 23.64
N PRO B 283 -17.11 -2.39 22.47
CA PRO B 283 -16.26 -3.04 21.46
C PRO B 283 -15.05 -2.19 21.01
N ILE B 284 -15.20 -0.88 20.98
CA ILE B 284 -14.14 0.03 20.61
C ILE B 284 -13.17 0.27 21.74
N ARG B 285 -13.68 0.33 22.98
CA ARG B 285 -12.79 0.41 24.11
C ARG B 285 -11.86 -0.80 24.11
N GLU B 286 -12.42 -1.98 23.88
CA GLU B 286 -11.62 -3.19 23.81
C GLU B 286 -10.58 -3.11 22.69
N LEU B 287 -11.01 -2.66 21.51
CA LEU B 287 -10.12 -2.54 20.36
C LEU B 287 -8.90 -1.65 20.68
N ILE B 288 -9.15 -0.43 21.13
CA ILE B 288 -8.05 0.49 21.39
C ILE B 288 -7.16 0.04 22.57
N ALA B 289 -7.70 -0.71 23.52
CA ALA B 289 -6.88 -1.27 24.60
C ALA B 289 -5.91 -2.31 24.06
N GLU B 290 -6.35 -3.09 23.06
CA GLU B 290 -5.44 -4.04 22.38
C GLU B 290 -4.39 -3.36 21.53
N ALA B 291 -4.79 -2.32 20.80
CA ALA B 291 -3.84 -1.53 20.03
C ALA B 291 -2.81 -0.88 20.95
N LYS B 292 -3.28 -0.29 22.05
CA LYS B 292 -2.42 0.40 23.01
C LYS B 292 -1.43 -0.54 23.70
N ALA B 293 -1.85 -1.80 23.94
CA ALA B 293 -0.96 -2.78 24.56
C ALA B 293 -0.09 -3.47 23.52
N GLU B 294 0.62 -2.66 22.73
CA GLU B 294 1.42 -3.15 21.61
C GLU B 294 2.33 -2.06 21.07
CAW 6UI C . 20.10 -3.35 -8.74
OAV 6UI C . 21.37 -3.37 -8.10
CAS 6UI C . 21.55 -4.28 -7.10
CAR 6UI C . 20.90 -5.52 -7.07
CAT 6UI C . 22.43 -3.96 -6.08
CAU 6UI C . 22.63 -4.84 -5.02
CAP 6UI C . 21.97 -6.08 -5.01
CAQ 6UI C . 22.15 -6.97 -3.95
CAO 6UI C . 21.09 -6.40 -6.04
CAN 6UI C . 20.42 -7.62 -6.02
CAM 6UI C . 20.62 -8.53 -4.95
CAL 6UI C . 21.49 -8.19 -3.89
CAK 6UI C . 21.66 -9.06 -2.86
NAJ 6UI C . 21.87 -10.38 -3.08
CAI 6UI C . 21.98 -10.97 -1.90
NAH 6UI C . 21.81 -10.07 -0.93
CAG 6UI C . 21.62 -8.87 -1.50
CAF 6UI C . 21.33 -7.78 -0.74
CAA 6UI C . 21.66 -7.73 0.61
CAB 6UI C . 21.28 -6.67 1.43
NAC 6UI C . 20.56 -5.60 0.90
CAD 6UI C . 20.24 -5.63 -0.43
CAE 6UI C . 20.58 -6.70 -1.25
CAW 6UI D . -8.61 19.31 9.97
OAV 6UI D . -7.40 19.32 10.71
CAS 6UI D . -6.79 18.15 11.06
CAR 6UI D . -7.10 16.90 10.53
CAT 6UI D . -5.78 18.25 12.00
CAU 6UI D . -5.12 17.14 12.44
CAP 6UI D . -5.43 15.89 11.93
CAQ 6UI D . -4.74 14.78 12.39
CAO 6UI D . -6.43 15.76 10.96
CAN 6UI D . -6.74 14.51 10.44
CAM 6UI D . -6.04 13.40 10.92
CAL 6UI D . -5.04 13.53 11.89
CAK 6UI D . -4.41 12.42 12.33
NAJ 6UI D . -3.85 11.57 11.44
CAI 6UI D . -3.39 10.55 12.16
NAH 6UI D . -3.64 10.72 13.45
CAG 6UI D . -4.29 11.89 13.58
CAF 6UI D . -4.71 12.28 14.80
CAA 6UI D . -4.13 11.80 15.97
CAB 6UI D . -4.58 12.18 17.23
NAC 6UI D . -5.69 13.04 17.35
CAD 6UI D . -6.28 13.51 16.18
CAE 6UI D . -5.82 13.11 14.94
#